data_3SON
#
_entry.id   3SON
#
_cell.length_a   57.880
_cell.length_b   57.880
_cell.length_c   94.490
_cell.angle_alpha   90.000
_cell.angle_beta   90.000
_cell.angle_gamma   90.000
#
_symmetry.space_group_name_H-M   'P 43'
#
loop_
_entity.id
_entity.type
_entity.pdbx_description
1 polymer 'Hypothetical NUDIX hydrolase'
2 non-polymer 'CALCIUM ION'
3 water water
#
_entity_poly.entity_id   1
_entity_poly.type   'polypeptide(L)'
_entity_poly.pdbx_seq_one_letter_code
;G(MSE)RQPFQVLVIPFIKTEANYQFGVLHRTDADVWQFVAGGGEDEEAISETAKRESIEELNLDVDVK(MSE)YSLDSH
ASIPNFHFSFNKPYVVPEYCFAIDLTSCSYQVTLSLEHSELRWVSYESAIQLLEWDSNKTALYELNERLKNND(MSE)KA
(MSE)
;
_entity_poly.pdbx_strand_id   A,B
#
# COMPACT_ATOMS: atom_id res chain seq x y z
CA ARG A 3 -3.76 -15.33 15.08
C ARG A 3 -4.08 -14.48 13.86
N GLN A 4 -4.41 -13.20 14.10
CA GLN A 4 -4.53 -12.20 13.04
C GLN A 4 -3.38 -11.19 13.19
N PRO A 5 -2.19 -11.49 12.62
CA PRO A 5 -1.11 -10.52 12.76
C PRO A 5 -1.31 -9.25 11.90
N PHE A 6 -0.72 -8.14 12.33
CA PHE A 6 -0.84 -6.90 11.62
C PHE A 6 0.34 -6.07 11.98
N GLN A 7 0.51 -4.95 11.27
CA GLN A 7 1.57 -4.01 11.46
C GLN A 7 1.01 -2.61 11.66
N VAL A 8 1.75 -1.79 12.35
CA VAL A 8 1.41 -0.41 12.44
C VAL A 8 2.53 0.47 11.88
N LEU A 9 2.12 1.62 11.35
N LEU A 9 2.12 1.64 11.37
CA LEU A 9 3.02 2.67 10.93
CA LEU A 9 3.02 2.69 10.85
C LEU A 9 2.61 3.91 11.70
C LEU A 9 2.64 4.03 11.53
N VAL A 10 3.60 4.64 12.20
CA VAL A 10 3.33 5.90 12.94
C VAL A 10 4.24 7.05 12.49
N ILE A 11 3.63 8.15 12.03
CA ILE A 11 4.34 9.28 11.46
C ILE A 11 4.40 10.37 12.51
N PRO A 12 5.60 10.68 13.03
CA PRO A 12 5.68 11.84 13.97
C PRO A 12 5.59 13.15 13.20
N PHE A 13 4.98 14.20 13.79
CA PHE A 13 4.98 15.52 13.17
C PHE A 13 5.03 16.63 14.22
N ILE A 14 5.48 17.82 13.78
CA ILE A 14 5.54 19.00 14.68
C ILE A 14 5.00 20.18 13.91
N LYS A 15 4.28 21.06 14.62
CA LYS A 15 3.87 22.36 14.08
C LYS A 15 4.96 23.41 14.34
N THR A 16 5.51 23.99 13.28
CA THR A 16 6.44 25.12 13.38
C THR A 16 5.70 26.45 13.17
N GLU A 17 6.40 27.57 13.37
CA GLU A 17 5.79 28.87 13.13
C GLU A 17 5.31 28.94 11.66
N ALA A 18 6.16 28.50 10.75
CA ALA A 18 5.86 28.53 9.32
C ALA A 18 4.88 27.44 8.88
N ASN A 19 5.29 26.19 9.06
CA ASN A 19 4.67 25.05 8.40
C ASN A 19 4.57 23.84 9.35
N TYR A 20 4.40 22.66 8.80
CA TYR A 20 4.52 21.45 9.55
C TYR A 20 5.76 20.75 9.09
N GLN A 21 6.40 20.08 10.03
CA GLN A 21 7.51 19.21 9.74
C GLN A 21 7.19 17.77 10.15
N PHE A 22 7.90 16.83 9.51
CA PHE A 22 7.63 15.42 9.66
C PHE A 22 8.93 14.72 10.05
N GLY A 23 8.79 13.79 10.95
CA GLY A 23 9.90 13.12 11.55
C GLY A 23 10.22 11.80 10.82
N VAL A 24 11.41 11.73 10.22
CA VAL A 24 11.84 10.49 9.59
C VAL A 24 13.05 9.97 10.30
N LEU A 25 13.21 8.64 10.29
CA LEU A 25 14.26 7.94 11.06
C LEU A 25 15.19 7.25 10.14
N HIS A 26 16.48 7.44 10.37
CA HIS A 26 17.46 6.79 9.58
C HIS A 26 17.92 5.59 10.34
N ARG A 27 18.00 4.44 9.65
CA ARG A 27 18.43 3.22 10.30
C ARG A 27 19.96 3.15 10.63
N THR A 28 20.27 2.54 11.75
CA THR A 28 21.69 2.31 12.11
C THR A 28 22.39 1.38 11.14
N ASP A 29 21.73 0.28 10.75
CA ASP A 29 22.34 -0.83 10.00
C ASP A 29 22.19 -0.79 8.49
N ALA A 30 21.57 0.27 7.96
CA ALA A 30 21.28 0.39 6.53
C ALA A 30 21.02 1.82 6.19
N ASP A 31 21.34 2.25 4.96
CA ASP A 31 21.00 3.61 4.50
C ASP A 31 19.50 3.67 4.08
N VAL A 32 18.62 3.69 5.07
CA VAL A 32 17.19 3.52 4.90
C VAL A 32 16.50 4.50 5.84
N TRP A 33 15.51 5.26 5.32
CA TRP A 33 14.76 6.22 6.11
C TRP A 33 13.37 5.64 6.21
N GLN A 34 12.81 5.65 7.41
CA GLN A 34 11.48 5.09 7.68
C GLN A 34 10.75 5.82 8.81
N PHE A 35 9.49 5.46 8.97
CA PHE A 35 8.69 5.89 10.10
C PHE A 35 8.74 4.84 11.24
N VAL A 36 8.07 5.16 12.34
CA VAL A 36 7.89 4.24 13.45
C VAL A 36 7.12 3.04 12.89
N ALA A 37 7.56 1.82 13.17
CA ALA A 37 6.86 0.63 12.61
C ALA A 37 6.98 -0.53 13.57
N GLY A 38 5.97 -1.37 13.60
CA GLY A 38 6.06 -2.56 14.43
C GLY A 38 4.87 -3.44 14.29
N GLY A 39 4.94 -4.63 14.83
CA GLY A 39 3.84 -5.56 14.74
C GLY A 39 3.04 -5.71 16.02
N GLY A 40 1.78 -6.14 15.86
CA GLY A 40 0.93 -6.44 16.96
C GLY A 40 1.48 -7.56 17.77
N GLU A 41 1.39 -7.42 19.09
CA GLU A 41 1.74 -8.52 20.01
C GLU A 41 0.58 -8.92 20.89
N ASP A 42 0.57 -10.20 21.30
CA ASP A 42 -0.40 -10.72 22.29
C ASP A 42 -1.87 -10.46 21.92
N GLU A 43 -2.59 -9.75 22.78
CA GLU A 43 -3.99 -9.43 22.52
C GLU A 43 -4.21 -7.95 22.27
N GLU A 44 -3.18 -7.25 21.74
CA GLU A 44 -3.23 -5.80 21.56
C GLU A 44 -4.33 -5.26 20.59
N ALA A 45 -5.00 -4.18 20.98
CA ALA A 45 -5.79 -3.47 20.01
C ALA A 45 -4.71 -2.80 19.14
N ILE A 46 -5.07 -2.44 17.91
N ILE A 46 -5.07 -2.47 17.89
CA ILE A 46 -4.15 -1.79 16.98
CA ILE A 46 -4.13 -1.83 16.96
C ILE A 46 -3.63 -0.46 17.52
C ILE A 46 -3.63 -0.54 17.61
N SER A 47 -4.53 0.30 18.17
N SER A 47 -4.56 0.29 18.08
CA SER A 47 -4.13 1.57 18.79
CA SER A 47 -4.17 1.54 18.78
C SER A 47 -3.08 1.36 19.90
C SER A 47 -3.08 1.34 19.86
N GLU A 48 -3.17 0.25 20.63
CA GLU A 48 -2.26 -0.05 21.69
C GLU A 48 -0.88 -0.43 21.15
N THR A 49 -0.85 -1.17 20.05
CA THR A 49 0.43 -1.42 19.30
C THR A 49 1.06 -0.11 18.86
N ALA A 50 0.28 0.76 18.23
CA ALA A 50 0.81 2.08 17.73
C ALA A 50 1.44 2.85 18.89
N LYS A 51 0.73 2.89 20.06
CA LYS A 51 1.25 3.60 21.25
C LYS A 51 2.56 2.98 21.72
N ARG A 52 2.53 1.67 21.91
CA ARG A 52 3.71 0.93 22.40
C ARG A 52 4.93 1.16 21.53
N GLU A 53 4.74 1.06 20.21
CA GLU A 53 5.86 1.15 19.26
C GLU A 53 6.42 2.56 19.27
N SER A 54 5.52 3.53 19.35
CA SER A 54 5.91 4.93 19.44
C SER A 54 6.72 5.17 20.70
N ILE A 55 6.25 4.68 21.84
CA ILE A 55 7.03 4.77 23.08
C ILE A 55 8.41 4.04 22.99
N GLU A 56 8.47 2.84 22.39
CA GLU A 56 9.70 2.11 22.31
C GLU A 56 10.69 2.89 21.42
N GLU A 57 10.23 3.38 20.28
CA GLU A 57 11.17 3.95 19.33
C GLU A 57 11.63 5.37 19.65
N LEU A 58 10.78 6.16 20.31
CA LEU A 58 11.04 7.57 20.63
C LEU A 58 11.31 7.89 22.11
N ASN A 59 11.32 6.84 22.92
CA ASN A 59 11.56 6.89 24.37
C ASN A 59 10.78 8.01 25.05
N LEU A 60 9.47 7.98 24.88
CA LEU A 60 8.57 9.05 25.34
C LEU A 60 7.95 8.71 26.69
N ASP A 61 7.62 9.73 27.48
CA ASP A 61 6.78 9.55 28.69
C ASP A 61 5.42 8.91 28.30
N VAL A 62 4.44 8.91 29.20
CA VAL A 62 3.20 8.12 29.00
C VAL A 62 2.08 8.71 28.10
N ASP A 63 1.93 10.04 28.07
CA ASP A 63 0.73 10.65 27.44
C ASP A 63 1.01 11.59 26.24
N VAL A 64 0.76 11.10 25.03
CA VAL A 64 0.92 11.88 23.80
C VAL A 64 -0.31 11.77 22.88
N LYS A 65 -0.63 12.84 22.16
CA LYS A 65 -1.77 12.81 21.23
C LYS A 65 -1.44 12.01 19.95
N TYR A 67 -3.10 10.12 16.43
CA TYR A 67 -4.19 10.34 15.50
C TYR A 67 -4.25 9.20 14.54
N SER A 68 -5.45 8.88 14.05
CA SER A 68 -5.68 7.85 13.05
C SER A 68 -5.68 8.34 11.63
N LEU A 69 -5.14 7.50 10.75
CA LEU A 69 -5.17 7.77 9.29
C LEU A 69 -5.97 6.65 8.62
N ASP A 70 -6.65 6.97 7.52
CA ASP A 70 -7.34 5.98 6.64
C ASP A 70 -6.40 5.16 5.76
N SER A 71 -5.20 5.66 5.49
CA SER A 71 -4.32 4.95 4.59
C SER A 71 -3.97 3.59 5.15
N HIS A 72 -4.13 2.57 4.34
CA HIS A 72 -3.83 1.21 4.73
C HIS A 72 -3.20 0.47 3.58
N ALA A 73 -2.29 -0.46 3.87
CA ALA A 73 -1.67 -1.30 2.84
C ALA A 73 -1.40 -2.76 3.30
N SER A 74 -1.32 -3.67 2.38
CA SER A 74 -1.01 -5.05 2.72
C SER A 74 0.48 -5.19 2.54
N ILE A 75 1.11 -6.01 3.35
CA ILE A 75 2.54 -6.29 3.19
C ILE A 75 2.76 -7.77 3.12
N PRO A 76 3.66 -8.25 2.22
CA PRO A 76 4.03 -9.68 2.18
C PRO A 76 4.42 -10.05 3.60
N ASN A 77 3.72 -11.01 4.16
CA ASN A 77 3.86 -11.24 5.58
C ASN A 77 5.23 -11.83 5.87
N PHE A 78 5.91 -12.32 4.83
CA PHE A 78 7.27 -12.87 4.97
C PHE A 78 8.32 -11.87 5.56
N HIS A 79 8.08 -10.59 5.38
CA HIS A 79 8.86 -9.53 6.07
C HIS A 79 8.87 -9.69 7.57
N PHE A 80 7.83 -10.35 8.10
CA PHE A 80 7.44 -10.30 9.56
C PHE A 80 7.21 -11.65 10.21
N SER A 81 6.78 -12.62 9.40
CA SER A 81 6.29 -13.89 9.93
C SER A 81 6.68 -15.06 9.01
N PHE A 82 6.73 -16.24 9.53
CA PHE A 82 6.96 -17.41 8.68
C PHE A 82 5.66 -18.04 8.17
N ASN A 83 4.54 -17.61 8.72
CA ASN A 83 3.32 -18.36 8.53
C ASN A 83 2.32 -17.51 7.84
N LYS A 84 1.29 -18.16 7.30
CA LYS A 84 0.11 -17.45 6.82
C LYS A 84 -0.29 -16.42 7.88
N PRO A 85 -0.96 -15.37 7.50
CA PRO A 85 -1.42 -15.14 6.16
C PRO A 85 -0.32 -14.75 5.14
N TYR A 86 -0.63 -14.90 3.85
CA TYR A 86 0.26 -14.44 2.80
C TYR A 86 0.61 -12.96 2.91
N VAL A 87 -0.38 -12.13 3.24
CA VAL A 87 -0.14 -10.68 3.40
C VAL A 87 -0.81 -10.20 4.69
N VAL A 88 -0.27 -9.15 5.34
CA VAL A 88 -0.93 -8.60 6.55
C VAL A 88 -1.18 -7.13 6.40
N PRO A 89 -2.16 -6.61 7.13
CA PRO A 89 -2.42 -5.22 6.93
C PRO A 89 -1.48 -4.36 7.73
N GLU A 90 -1.22 -3.19 7.20
CA GLU A 90 -0.48 -2.14 7.86
C GLU A 90 -1.40 -0.92 8.10
N TYR A 91 -1.64 -0.60 9.36
CA TYR A 91 -2.50 0.51 9.76
C TYR A 91 -1.64 1.68 10.11
N CYS A 92 -2.10 2.90 9.82
CA CYS A 92 -1.27 4.01 9.93
C CYS A 92 -1.75 5.04 10.91
N PHE A 93 -0.79 5.78 11.50
CA PHE A 93 -1.11 6.79 12.52
C PHE A 93 -0.19 7.98 12.49
N ALA A 94 -0.46 8.98 13.32
CA ALA A 94 0.41 10.14 13.43
C ALA A 94 0.48 10.63 14.86
N ILE A 95 1.63 11.17 15.26
CA ILE A 95 1.80 11.59 16.61
C ILE A 95 2.31 12.98 16.61
N ASP A 96 1.64 13.85 17.40
CA ASP A 96 2.06 15.24 17.53
C ASP A 96 3.10 15.38 18.59
N LEU A 97 4.34 15.72 18.20
CA LEU A 97 5.39 15.94 19.17
C LEU A 97 5.79 17.42 19.26
N THR A 98 4.88 18.34 18.90
CA THR A 98 5.15 19.78 18.95
C THR A 98 5.62 20.22 20.36
N SER A 99 5.01 19.66 21.40
CA SER A 99 5.35 20.05 22.77
C SER A 99 6.44 19.21 23.43
N CYS A 100 6.92 18.16 22.78
CA CYS A 100 7.82 17.23 23.45
C CYS A 100 8.95 16.72 22.60
N SER A 101 9.17 17.37 21.46
CA SER A 101 10.21 16.92 20.55
C SER A 101 11.60 16.93 21.21
N TYR A 102 11.81 17.80 22.21
CA TYR A 102 13.09 17.84 22.95
C TYR A 102 13.31 16.59 23.80
N GLN A 103 12.23 15.92 24.16
CA GLN A 103 12.32 14.75 25.00
C GLN A 103 12.60 13.46 24.24
N VAL A 104 12.50 13.50 22.92
CA VAL A 104 12.63 12.33 22.11
C VAL A 104 14.08 11.83 22.08
N THR A 105 14.30 10.56 22.38
CA THR A 105 15.63 9.93 22.20
C THR A 105 15.39 8.63 21.44
N LEU A 106 16.35 8.21 20.62
CA LEU A 106 16.13 7.04 19.78
C LEU A 106 16.73 5.77 20.39
N SER A 107 16.17 4.63 20.01
CA SER A 107 16.72 3.32 20.32
C SER A 107 17.91 3.04 19.43
N LEU A 108 18.63 1.98 19.71
CA LEU A 108 19.79 1.65 18.91
C LEU A 108 19.48 1.32 17.40
N GLU A 109 18.24 1.06 17.07
CA GLU A 109 17.85 0.72 15.70
C GLU A 109 18.05 1.89 14.72
N HIS A 110 18.12 3.12 15.25
CA HIS A 110 18.19 4.35 14.47
C HIS A 110 19.35 5.25 14.80
N SER A 111 19.81 5.99 13.77
CA SER A 111 20.97 6.89 13.88
C SER A 111 20.62 8.37 13.89
N GLU A 112 19.40 8.67 13.54
CA GLU A 112 18.99 10.04 13.41
C GLU A 112 17.46 10.09 13.30
N LEU A 113 16.86 11.10 13.97
CA LEU A 113 15.51 11.56 13.67
C LEU A 113 15.74 12.92 12.95
N ARG A 114 15.19 13.07 11.75
CA ARG A 114 15.25 14.32 11.03
C ARG A 114 13.84 14.88 10.82
N TRP A 115 13.69 16.16 11.17
CA TRP A 115 12.44 16.91 11.02
C TRP A 115 12.54 17.65 9.70
N VAL A 116 11.68 17.27 8.74
CA VAL A 116 11.79 17.70 7.37
C VAL A 116 10.44 18.15 6.83
N SER A 117 10.46 18.91 5.74
CA SER A 117 9.22 19.32 5.12
C SER A 117 8.55 18.12 4.46
N TYR A 118 7.28 18.29 4.12
CA TYR A 118 6.56 17.29 3.38
C TYR A 118 7.36 16.78 2.19
N GLU A 119 7.77 17.74 1.37
CA GLU A 119 8.40 17.42 0.10
C GLU A 119 9.72 16.73 0.34
N SER A 120 10.43 17.09 1.41
CA SER A 120 11.71 16.47 1.73
C SER A 120 11.52 15.07 2.22
N ALA A 121 10.44 14.86 3.01
CA ALA A 121 10.10 13.54 3.54
C ALA A 121 9.78 12.55 2.39
N ILE A 122 9.00 13.01 1.39
CA ILE A 122 8.66 12.19 0.19
C ILE A 122 9.89 11.69 -0.57
N GLN A 123 10.93 12.56 -0.67
CA GLN A 123 12.22 12.23 -1.28
C GLN A 123 13.04 11.18 -0.50
N LEU A 124 12.92 11.18 0.81
CA LEU A 124 13.62 10.23 1.70
C LEU A 124 12.99 8.86 1.67
N LEU A 125 11.66 8.80 1.61
CA LEU A 125 10.91 7.53 1.66
C LEU A 125 11.08 6.54 0.48
N GLU A 126 10.97 5.23 0.76
CA GLU A 126 11.01 4.23 -0.28
C GLU A 126 9.65 3.65 -0.71
N TRP A 127 8.71 3.43 0.23
CA TRP A 127 7.52 2.63 -0.08
C TRP A 127 6.30 3.47 -0.38
N ASP A 128 5.60 3.10 -1.43
CA ASP A 128 4.40 3.84 -1.82
C ASP A 128 3.49 3.98 -0.62
N SER A 129 3.32 2.92 0.15
CA SER A 129 2.44 2.92 1.32
C SER A 129 2.71 4.08 2.34
N ASN A 130 3.96 4.33 2.60
CA ASN A 130 4.38 5.44 3.47
C ASN A 130 4.16 6.85 2.89
N LYS A 131 4.41 7.02 1.61
CA LYS A 131 4.16 8.20 0.89
C LYS A 131 2.69 8.51 0.88
N THR A 132 1.87 7.48 0.67
CA THR A 132 0.43 7.65 0.67
C THR A 132 -0.09 8.11 2.04
N ALA A 133 0.34 7.44 3.11
CA ALA A 133 0.00 7.85 4.49
C ALA A 133 0.44 9.32 4.79
N LEU A 134 1.60 9.68 4.26
CA LEU A 134 2.13 11.01 4.54
C LEU A 134 1.32 12.05 3.80
N TYR A 135 0.94 11.78 2.55
CA TYR A 135 0.05 12.66 1.78
C TYR A 135 -1.22 12.97 2.55
N GLU A 136 -1.88 11.91 2.98
CA GLU A 136 -3.14 12.05 3.76
C GLU A 136 -2.91 12.92 5.01
N LEU A 137 -1.91 12.58 5.80
CA LEU A 137 -1.59 13.39 6.98
C LEU A 137 -1.41 14.89 6.66
N ASN A 138 -0.68 15.15 5.59
CA ASN A 138 -0.36 16.45 5.20
C ASN A 138 -1.62 17.23 4.78
N GLU A 139 -2.50 16.58 3.99
CA GLU A 139 -3.79 17.21 3.65
C GLU A 139 -4.65 17.47 4.87
N ARG A 140 -4.71 16.50 5.77
CA ARG A 140 -5.44 16.67 7.03
C ARG A 140 -4.89 17.78 7.91
N LEU A 141 -3.58 17.91 8.04
CA LEU A 141 -3.04 19.01 8.82
C LEU A 141 -3.49 20.33 8.17
N LYS A 142 -3.15 20.51 6.90
CA LYS A 142 -3.51 21.73 6.17
C LYS A 142 -4.96 22.13 6.34
N ASN A 143 -5.86 21.14 6.45
CA ASN A 143 -7.28 21.38 6.53
C ASN A 143 -7.83 21.43 7.97
N ASN A 144 -6.93 21.30 8.95
CA ASN A 144 -7.33 21.09 10.35
C ASN A 144 -8.44 20.00 10.49
N ASP A 145 -8.19 18.84 9.88
CA ASP A 145 -9.18 17.74 9.77
C ASP A 145 -8.59 16.45 10.25
N LYS A 147 -8.38 13.08 13.09
CA LYS A 147 -9.22 12.24 13.95
C LYS A 147 -8.37 11.51 14.98
N ALA A 148 -8.66 11.69 16.26
N ALA A 148 -8.77 11.66 16.24
CA ALA A 148 -7.80 11.13 17.33
CA ALA A 148 -8.23 10.89 17.35
C ALA A 148 -7.98 9.59 17.50
C ALA A 148 -9.42 10.19 18.00
CA GLN B 4 -18.48 5.54 -2.57
C GLN B 4 -17.40 5.10 -3.55
N PRO B 5 -16.36 5.93 -3.73
CA PRO B 5 -15.21 5.69 -4.63
C PRO B 5 -14.18 4.58 -4.20
N PHE B 6 -13.82 3.79 -5.18
CA PHE B 6 -12.87 2.75 -4.93
C PHE B 6 -12.31 2.44 -6.26
N GLN B 7 -11.14 1.81 -6.24
CA GLN B 7 -10.45 1.39 -7.46
C GLN B 7 -10.29 -0.10 -7.38
N VAL B 8 -10.09 -0.74 -8.53
CA VAL B 8 -9.82 -2.15 -8.60
C VAL B 8 -8.52 -2.36 -9.37
N LEU B 9 -7.81 -3.43 -9.02
CA LEU B 9 -6.61 -3.91 -9.73
C LEU B 9 -6.85 -5.39 -10.10
N VAL B 10 -6.60 -5.77 -11.35
CA VAL B 10 -6.86 -7.14 -11.79
C VAL B 10 -5.60 -7.69 -12.48
N ILE B 11 -5.08 -8.75 -11.92
CA ILE B 11 -3.88 -9.40 -12.46
C ILE B 11 -4.24 -10.61 -13.38
N PRO B 12 -3.93 -10.52 -14.68
CA PRO B 12 -4.08 -11.67 -15.58
C PRO B 12 -3.04 -12.68 -15.36
N PHE B 13 -3.37 -13.96 -15.34
CA PHE B 13 -2.32 -14.99 -15.28
C PHE B 13 -2.66 -16.20 -16.21
N ILE B 14 -1.66 -17.03 -16.47
CA ILE B 14 -1.85 -18.25 -17.17
C ILE B 14 -1.04 -19.33 -16.54
N LYS B 15 -1.52 -20.54 -16.75
CA LYS B 15 -0.81 -21.74 -16.25
C LYS B 15 -0.09 -22.28 -17.46
N THR B 16 1.22 -22.43 -17.35
CA THR B 16 1.98 -23.07 -18.39
C THR B 16 2.46 -24.42 -17.87
N GLU B 17 3.01 -25.23 -18.77
CA GLU B 17 3.53 -26.55 -18.40
C GLU B 17 4.52 -26.43 -17.24
N ALA B 18 5.49 -25.53 -17.37
CA ALA B 18 6.56 -25.38 -16.37
C ALA B 18 6.15 -24.52 -15.17
N ASN B 19 5.67 -23.31 -15.44
CA ASN B 19 5.36 -22.34 -14.39
C ASN B 19 4.01 -21.63 -14.60
N TYR B 20 3.85 -20.56 -13.87
CA TYR B 20 2.81 -19.56 -14.10
C TYR B 20 3.47 -18.36 -14.70
N GLN B 21 2.73 -17.64 -15.56
CA GLN B 21 3.15 -16.34 -16.11
C GLN B 21 2.04 -15.31 -15.85
N PHE B 22 2.41 -14.04 -15.87
CA PHE B 22 1.55 -12.98 -15.46
C PHE B 22 1.57 -11.93 -16.51
N GLY B 23 0.40 -11.31 -16.72
CA GLY B 23 0.20 -10.40 -17.82
C GLY B 23 0.33 -8.97 -17.41
N VAL B 24 1.52 -8.44 -17.65
CA VAL B 24 1.85 -7.04 -17.34
C VAL B 24 1.59 -6.17 -18.57
N LEU B 25 1.09 -4.97 -18.31
CA LEU B 25 0.71 -3.99 -19.32
C LEU B 25 1.60 -2.76 -19.29
N HIS B 26 2.03 -2.29 -20.46
CA HIS B 26 2.87 -1.09 -20.53
C HIS B 26 2.11 0.11 -21.06
N ARG B 27 2.15 1.19 -20.31
CA ARG B 27 1.49 2.42 -20.71
C ARG B 27 2.20 3.05 -21.91
N THR B 28 1.48 3.92 -22.66
CA THR B 28 2.06 4.58 -23.80
C THR B 28 2.62 5.94 -23.39
N ASP B 29 2.05 6.52 -22.33
CA ASP B 29 2.31 7.91 -21.92
C ASP B 29 3.33 8.04 -20.79
N ALA B 30 3.92 6.90 -20.41
CA ALA B 30 4.97 6.86 -19.40
C ALA B 30 5.58 5.48 -19.38
N ASP B 31 6.80 5.36 -18.87
CA ASP B 31 7.47 4.06 -18.86
C ASP B 31 7.03 3.37 -17.60
N VAL B 32 5.84 2.82 -17.66
CA VAL B 32 5.25 2.21 -16.49
C VAL B 32 4.63 0.84 -16.93
N TRP B 33 5.01 -0.20 -16.19
CA TRP B 33 4.35 -1.54 -16.23
C TRP B 33 3.35 -1.70 -15.07
N GLN B 34 2.11 -2.06 -15.39
CA GLN B 34 1.09 -2.15 -14.41
C GLN B 34 0.12 -3.28 -14.77
N PHE B 35 -0.91 -3.43 -13.94
CA PHE B 35 -1.95 -4.39 -14.26
C PHE B 35 -3.23 -3.69 -14.69
N VAL B 36 -4.29 -4.47 -14.85
CA VAL B 36 -5.58 -3.89 -15.20
C VAL B 36 -6.05 -3.08 -13.99
N ALA B 37 -6.55 -1.87 -14.22
CA ALA B 37 -6.99 -0.97 -13.17
C ALA B 37 -8.10 -0.04 -13.60
N GLY B 38 -8.98 0.33 -12.67
CA GLY B 38 -10.01 1.33 -12.98
C GLY B 38 -10.91 1.61 -11.79
N GLY B 39 -11.78 2.61 -11.91
CA GLY B 39 -12.68 3.04 -10.81
C GLY B 39 -14.08 2.45 -10.88
N GLY B 40 -14.70 2.32 -9.70
CA GLY B 40 -16.07 1.94 -9.64
C GLY B 40 -16.95 2.99 -10.27
N GLU B 41 -17.91 2.53 -11.05
CA GLU B 41 -18.86 3.39 -11.75
C GLU B 41 -20.23 3.18 -11.21
N ASP B 42 -21.03 4.25 -11.20
CA ASP B 42 -22.48 4.18 -10.90
C ASP B 42 -22.69 3.38 -9.63
N GLU B 43 -23.55 2.37 -9.68
CA GLU B 43 -23.89 1.58 -8.52
C GLU B 43 -23.22 0.19 -8.54
N GLU B 44 -22.09 0.08 -9.20
CA GLU B 44 -21.32 -1.21 -9.33
C GLU B 44 -20.78 -1.72 -8.01
N ALA B 45 -20.95 -3.02 -7.79
CA ALA B 45 -20.25 -3.66 -6.72
C ALA B 45 -18.79 -3.77 -7.15
N ILE B 46 -17.97 -4.01 -6.18
CA ILE B 46 -16.54 -4.06 -6.40
C ILE B 46 -16.18 -5.11 -7.44
N SER B 47 -16.68 -6.33 -7.26
CA SER B 47 -16.37 -7.37 -8.23
C SER B 47 -16.94 -7.13 -9.61
N GLU B 48 -18.08 -6.43 -9.69
CA GLU B 48 -18.64 -6.01 -10.98
C GLU B 48 -17.68 -5.07 -11.69
N THR B 49 -17.06 -4.12 -10.97
CA THR B 49 -16.11 -3.16 -11.54
C THR B 49 -14.91 -3.93 -12.06
N ALA B 50 -14.41 -4.86 -11.28
CA ALA B 50 -13.23 -5.67 -11.72
C ALA B 50 -13.48 -6.50 -13.02
N LYS B 51 -14.61 -7.14 -13.12
CA LYS B 51 -15.00 -7.93 -14.31
C LYS B 51 -15.07 -7.07 -15.56
N ARG B 52 -15.68 -5.92 -15.39
CA ARG B 52 -15.92 -5.02 -16.47
C ARG B 52 -14.61 -4.52 -17.01
N GLU B 53 -13.78 -4.01 -16.12
CA GLU B 53 -12.50 -3.39 -16.54
C GLU B 53 -11.65 -4.47 -17.26
N SER B 54 -11.75 -5.71 -16.77
CA SER B 54 -11.00 -6.87 -17.36
C SER B 54 -11.47 -7.11 -18.79
N ILE B 55 -12.79 -7.13 -18.97
CA ILE B 55 -13.37 -7.48 -20.25
C ILE B 55 -13.07 -6.39 -21.25
N GLU B 56 -13.16 -5.14 -20.82
CA GLU B 56 -12.86 -4.03 -21.66
C GLU B 56 -11.39 -3.86 -22.03
N GLU B 57 -10.51 -3.91 -21.05
CA GLU B 57 -9.11 -3.66 -21.30
C GLU B 57 -8.51 -4.77 -22.13
N LEU B 58 -9.05 -5.98 -22.02
CA LEU B 58 -8.42 -7.12 -22.70
C LEU B 58 -9.27 -7.78 -23.74
N ASN B 59 -10.47 -7.24 -23.98
CA ASN B 59 -11.35 -7.81 -24.98
C ASN B 59 -11.65 -9.30 -24.79
N LEU B 60 -12.02 -9.66 -23.57
CA LEU B 60 -12.29 -11.00 -23.19
C LEU B 60 -13.74 -11.45 -23.41
N ASP B 61 -13.90 -12.78 -23.41
CA ASP B 61 -15.19 -13.44 -23.40
C ASP B 61 -15.76 -13.25 -21.99
N VAL B 62 -17.09 -13.25 -21.91
CA VAL B 62 -17.81 -12.91 -20.69
C VAL B 62 -17.66 -13.94 -19.54
N ASP B 63 -17.32 -15.19 -19.86
CA ASP B 63 -17.19 -16.26 -18.85
C ASP B 63 -15.75 -16.41 -18.24
N VAL B 64 -15.00 -15.31 -18.24
CA VAL B 64 -13.66 -15.30 -17.69
C VAL B 64 -13.68 -15.67 -16.19
N LYS B 65 -12.74 -16.52 -15.72
CA LYS B 65 -12.64 -16.91 -14.32
C LYS B 65 -11.89 -15.91 -13.53
N TYR B 67 -10.86 -14.27 -9.54
CA TYR B 67 -10.65 -14.60 -8.16
C TYR B 67 -10.26 -13.39 -7.33
N SER B 68 -10.78 -13.32 -6.11
CA SER B 68 -10.41 -12.28 -5.13
C SER B 68 -9.01 -12.46 -4.60
N LEU B 69 -8.39 -11.36 -4.16
CA LEU B 69 -7.14 -11.44 -3.36
C LEU B 69 -7.32 -10.60 -2.09
N ASP B 70 -6.66 -10.99 -0.99
CA ASP B 70 -6.67 -10.19 0.26
C ASP B 70 -6.01 -8.83 0.12
N SER B 71 -5.00 -8.73 -0.72
CA SER B 71 -4.19 -7.51 -0.84
C SER B 71 -5.03 -6.30 -1.22
N HIS B 72 -4.88 -5.22 -0.46
CA HIS B 72 -5.45 -3.96 -0.84
C HIS B 72 -4.67 -2.83 -0.31
N ALA B 73 -4.84 -1.68 -0.91
CA ALA B 73 -4.05 -0.57 -0.52
C ALA B 73 -4.78 0.70 -0.81
N SER B 74 -4.30 1.76 -0.23
CA SER B 74 -4.90 3.08 -0.48
C SER B 74 -4.15 3.84 -1.57
N ILE B 75 -4.90 4.66 -2.32
CA ILE B 75 -4.37 5.51 -3.37
C ILE B 75 -4.75 6.97 -3.05
N PRO B 76 -3.79 7.93 -3.18
CA PRO B 76 -4.16 9.33 -2.97
C PRO B 76 -5.31 9.69 -3.95
N ASN B 77 -6.41 10.24 -3.44
CA ASN B 77 -7.66 10.38 -4.26
C ASN B 77 -7.53 11.46 -5.33
N PHE B 78 -6.50 12.31 -5.25
CA PHE B 78 -6.37 13.35 -6.23
C PHE B 78 -6.03 12.78 -7.62
N HIS B 79 -5.52 11.53 -7.66
CA HIS B 79 -5.28 10.83 -8.92
C HIS B 79 -6.57 10.76 -9.68
N PHE B 80 -7.73 10.94 -9.02
CA PHE B 80 -9.06 10.57 -9.60
C PHE B 80 -10.22 11.54 -9.42
N SER B 81 -10.15 12.32 -8.34
CA SER B 81 -11.29 13.08 -7.82
C SER B 81 -10.77 14.38 -7.19
N PHE B 82 -11.54 15.43 -7.30
CA PHE B 82 -11.22 16.67 -6.64
C PHE B 82 -11.68 16.62 -5.21
N ASN B 83 -12.42 15.58 -4.85
CA ASN B 83 -13.09 15.56 -3.58
C ASN B 83 -12.59 14.50 -2.62
N LYS B 84 -12.88 14.75 -1.36
CA LYS B 84 -12.75 13.74 -0.35
C LYS B 84 -13.39 12.44 -0.92
N PRO B 85 -12.98 11.28 -0.43
CA PRO B 85 -12.03 11.08 0.66
C PRO B 85 -10.57 11.42 0.22
N TYR B 86 -9.68 11.55 1.21
CA TYR B 86 -8.29 11.85 0.94
C TYR B 86 -7.61 10.75 0.11
N VAL B 87 -7.97 9.53 0.41
CA VAL B 87 -7.45 8.35 -0.18
C VAL B 87 -8.58 7.39 -0.46
N VAL B 88 -8.39 6.57 -1.47
CA VAL B 88 -9.39 5.54 -1.80
C VAL B 88 -8.78 4.16 -1.89
N PRO B 89 -9.58 3.16 -1.57
CA PRO B 89 -9.07 1.82 -1.53
C PRO B 89 -8.96 1.21 -2.91
N GLU B 90 -7.93 0.40 -3.05
CA GLU B 90 -7.71 -0.35 -4.29
C GLU B 90 -7.85 -1.82 -3.98
N TYR B 91 -8.88 -2.46 -4.54
CA TYR B 91 -9.20 -3.86 -4.27
C TYR B 91 -8.67 -4.74 -5.42
N CYS B 92 -8.07 -5.89 -5.07
CA CYS B 92 -7.35 -6.71 -6.03
C CYS B 92 -7.99 -8.07 -6.36
N PHE B 93 -7.81 -8.50 -7.60
CA PHE B 93 -8.38 -9.71 -8.10
C PHE B 93 -7.38 -10.25 -9.08
N ALA B 94 -7.63 -11.46 -9.56
CA ALA B 94 -6.79 -12.11 -10.57
C ALA B 94 -7.73 -12.82 -11.56
N ILE B 95 -7.32 -12.86 -12.81
CA ILE B 95 -8.13 -13.49 -13.84
C ILE B 95 -7.28 -14.53 -14.61
N ASP B 96 -7.87 -15.69 -14.84
CA ASP B 96 -7.17 -16.82 -15.46
C ASP B 96 -7.44 -16.87 -16.96
N LEU B 97 -6.46 -16.46 -17.76
CA LEU B 97 -6.59 -16.37 -19.21
C LEU B 97 -5.95 -17.59 -19.90
N THR B 98 -5.73 -18.66 -19.14
CA THR B 98 -5.22 -19.90 -19.74
C THR B 98 -6.15 -20.34 -20.85
N SER B 99 -5.65 -20.40 -22.09
CA SER B 99 -6.44 -20.87 -23.27
C SER B 99 -7.58 -19.94 -23.72
N CYS B 100 -7.50 -18.67 -23.32
CA CYS B 100 -8.48 -17.62 -23.63
C CYS B 100 -7.91 -16.68 -24.66
N SER B 101 -8.78 -16.22 -25.56
CA SER B 101 -8.44 -15.12 -26.49
C SER B 101 -8.51 -13.75 -25.76
N TYR B 102 -7.69 -12.85 -26.22
CA TYR B 102 -7.58 -11.52 -25.63
C TYR B 102 -6.75 -10.70 -26.62
N GLN B 103 -6.86 -9.39 -26.45
CA GLN B 103 -5.90 -8.42 -27.01
C GLN B 103 -6.14 -7.13 -26.25
N VAL B 104 -5.04 -6.48 -25.93
CA VAL B 104 -5.11 -5.24 -25.18
C VAL B 104 -5.79 -4.20 -26.01
N THR B 105 -6.70 -3.44 -25.38
CA THR B 105 -7.32 -2.28 -25.96
C THR B 105 -6.26 -1.21 -26.01
N LEU B 106 -5.95 -0.76 -27.23
CA LEU B 106 -4.93 0.26 -27.39
C LEU B 106 -5.37 1.61 -26.82
N SER B 107 -4.54 2.11 -25.93
CA SER B 107 -4.82 3.36 -25.24
C SER B 107 -3.59 3.88 -24.49
N LEU B 108 -3.73 5.08 -24.00
CA LEU B 108 -2.64 5.70 -23.27
C LEU B 108 -2.30 4.90 -22.01
N GLU B 109 -3.30 4.29 -21.39
CA GLU B 109 -3.09 3.40 -20.23
C GLU B 109 -2.30 2.10 -20.55
N HIS B 110 -2.34 1.64 -21.79
CA HIS B 110 -1.65 0.43 -22.19
C HIS B 110 -1.67 0.19 -23.68
N SER B 111 -0.51 -0.10 -24.27
CA SER B 111 -0.41 -0.45 -25.67
C SER B 111 0.07 -1.90 -25.90
N GLU B 112 0.59 -2.50 -24.85
CA GLU B 112 0.97 -3.88 -24.97
C GLU B 112 0.80 -4.62 -23.68
N LEU B 113 0.74 -5.93 -23.85
CA LEU B 113 0.71 -6.85 -22.74
C LEU B 113 1.94 -7.74 -22.94
N ARG B 114 2.52 -8.18 -21.85
CA ARG B 114 3.58 -9.18 -21.92
C ARG B 114 3.40 -10.28 -20.84
N TRP B 115 3.49 -11.54 -21.25
CA TRP B 115 3.42 -12.70 -20.32
C TRP B 115 4.84 -12.88 -19.78
N VAL B 116 4.98 -12.80 -18.47
CA VAL B 116 6.28 -12.84 -17.83
C VAL B 116 6.25 -13.69 -16.55
N SER B 117 7.40 -14.17 -16.14
CA SER B 117 7.54 -14.98 -14.88
C SER B 117 7.26 -14.09 -13.67
N TYR B 118 7.10 -14.69 -12.53
CA TYR B 118 6.88 -13.90 -11.33
C TYR B 118 8.05 -12.95 -11.15
N GLU B 119 9.26 -13.52 -11.25
CA GLU B 119 10.46 -12.76 -10.96
C GLU B 119 10.61 -11.57 -11.92
N SER B 120 10.26 -11.76 -13.17
CA SER B 120 10.39 -10.69 -14.14
C SER B 120 9.32 -9.63 -13.91
N ALA B 121 8.12 -10.04 -13.57
CA ALA B 121 7.06 -9.03 -13.28
C ALA B 121 7.49 -8.14 -12.08
N ILE B 122 8.12 -8.74 -11.10
CA ILE B 122 8.59 -7.96 -9.94
C ILE B 122 9.59 -6.87 -10.33
N GLN B 123 10.46 -7.18 -11.30
CA GLN B 123 11.41 -6.20 -11.76
C GLN B 123 10.73 -5.11 -12.64
N LEU B 124 9.69 -5.48 -13.38
CA LEU B 124 9.01 -4.54 -14.27
C LEU B 124 8.06 -3.56 -13.61
N LEU B 125 7.24 -4.08 -12.67
CA LEU B 125 6.15 -3.35 -12.08
C LEU B 125 6.56 -2.08 -11.38
N GLU B 126 5.82 -1.03 -11.67
CA GLU B 126 6.07 0.27 -11.09
C GLU B 126 5.68 0.35 -9.59
N TRP B 127 4.45 -0.09 -9.27
CA TRP B 127 3.84 0.20 -7.95
C TRP B 127 3.93 -0.91 -6.97
N ASP B 128 4.20 -0.54 -5.74
CA ASP B 128 4.28 -1.53 -4.63
C ASP B 128 2.99 -2.32 -4.43
N SER B 129 1.86 -1.68 -4.57
CA SER B 129 0.58 -2.39 -4.40
C SER B 129 0.39 -3.56 -5.37
N ASN B 130 0.92 -3.38 -6.57
CA ASN B 130 0.86 -4.35 -7.65
C ASN B 130 1.78 -5.52 -7.30
N LYS B 131 2.97 -5.21 -6.84
CA LYS B 131 3.94 -6.21 -6.43
C LYS B 131 3.45 -7.04 -5.25
N THR B 132 2.78 -6.42 -4.27
CA THR B 132 2.25 -7.17 -3.10
C THR B 132 1.13 -8.14 -3.57
N ALA B 133 0.19 -7.61 -4.34
CA ALA B 133 -0.92 -8.37 -4.91
C ALA B 133 -0.39 -9.58 -5.72
N LEU B 134 0.65 -9.35 -6.52
CA LEU B 134 1.26 -10.39 -7.31
C LEU B 134 1.91 -11.42 -6.42
N TYR B 135 2.63 -10.94 -5.37
CA TYR B 135 3.23 -11.85 -4.39
C TYR B 135 2.22 -12.85 -3.85
N GLU B 136 1.08 -12.32 -3.41
CA GLU B 136 -0.04 -13.12 -2.84
C GLU B 136 -0.57 -14.13 -3.88
N LEU B 137 -0.85 -13.65 -5.08
CA LEU B 137 -1.32 -14.49 -6.15
C LEU B 137 -0.33 -15.65 -6.39
N ASN B 138 0.93 -15.30 -6.61
CA ASN B 138 1.97 -16.32 -6.86
C ASN B 138 2.01 -17.36 -5.77
N GLU B 139 2.02 -16.92 -4.52
CA GLU B 139 1.95 -17.86 -3.39
C GLU B 139 0.71 -18.77 -3.44
N ARG B 140 -0.45 -18.18 -3.72
CA ARG B 140 -1.70 -18.94 -3.81
C ARG B 140 -1.71 -19.95 -4.95
N LEU B 141 -1.12 -19.58 -6.08
CA LEU B 141 -1.04 -20.47 -7.23
C LEU B 141 -0.16 -21.64 -6.89
N LYS B 142 1.08 -21.35 -6.48
CA LYS B 142 2.01 -22.38 -6.05
C LYS B 142 1.38 -23.38 -5.07
N ASN B 143 0.64 -22.88 -4.10
CA ASN B 143 0.04 -23.74 -3.07
C ASN B 143 -1.35 -24.28 -3.42
N ASN B 144 -1.80 -24.03 -4.66
CA ASN B 144 -3.18 -24.34 -5.07
C ASN B 144 -4.12 -23.87 -3.96
N ASP B 145 -3.99 -22.57 -3.62
CA ASP B 145 -4.70 -21.98 -2.45
C ASP B 145 -5.42 -20.67 -2.82
N LYS B 147 -8.52 -18.06 -3.25
CA LYS B 147 -9.79 -17.83 -2.60
C LYS B 147 -10.89 -18.37 -3.50
N ALA B 148 -11.92 -18.94 -2.90
CA ALA B 148 -13.06 -19.46 -3.61
C ALA B 148 -13.77 -18.39 -4.40
#